data_6U5M
#
_entry.id   6U5M
#
_cell.length_a   134.390
_cell.length_b   46.672
_cell.length_c   112.517
_cell.angle_alpha   90.000
_cell.angle_beta   117.300
_cell.angle_gamma   90.000
#
_symmetry.space_group_name_H-M   'C 1 2 1'
#
loop_
_entity.id
_entity.type
_entity.pdbx_description
1 polymer 'WD repeat-containing protein 5'
2 non-polymer 5-bromo-2-hydroxy-N-[3-(methylsulfonyl)-5-(pentafluoro-lambda~6~-sulfanyl)phenyl]benzene-1-sulfonamide
3 water water
#
_entity_poly.entity_id   1
_entity_poly.type   'polypeptide(L)'
_entity_poly.pdbx_seq_one_letter_code
;VKPNYALKFTLAGHTKAVSSVKFSPNGEWLASSSADKLIKIWGAYDGKFEKTISGHKLGISDVAWSSDSNLLVSASDDKT
LKIWDVSSGKCLKTLKGHSNYVFCCNFNPQSNLIVSGSFDESVRIWDVKTGKCLKTLPAHSDPVSAVHFNRDGSLIVSSS
YDGLCRIWDTASGQCLKTLIDDDNPPVSFVKFSPNGKYILAATLDNTLKLWDYSKGKCLKTYTGHKNEKYCIFANFSVTG
GKWIVSGSEDNLVYIWNLQTKEIVQKLQGHTDVVISTACHPTENIIASAALENDKTIKLWKSDC
;
_entity_poly.pdbx_strand_id   A,B
#
# COMPACT_ATOMS: atom_id res chain seq x y z
N VAL A 1 -14.00 -8.77 -24.15
CA VAL A 1 -13.56 -8.63 -22.77
C VAL A 1 -13.48 -7.15 -22.39
N LYS A 2 -14.04 -6.83 -21.22
CA LYS A 2 -14.09 -5.47 -20.71
C LYS A 2 -13.73 -5.47 -19.23
N PRO A 3 -13.06 -4.43 -18.75
CA PRO A 3 -12.85 -4.30 -17.31
C PRO A 3 -14.14 -3.88 -16.62
N ASN A 4 -14.15 -4.01 -15.29
CA ASN A 4 -15.30 -3.63 -14.49
C ASN A 4 -14.82 -2.83 -13.28
N TYR A 5 -14.08 -1.76 -13.54
CA TYR A 5 -13.53 -0.93 -12.47
C TYR A 5 -14.65 -0.32 -11.65
N ALA A 6 -14.52 -0.41 -10.32
CA ALA A 6 -15.52 0.08 -9.39
C ALA A 6 -14.84 0.91 -8.31
N LEU A 7 -15.52 1.96 -7.87
CA LEU A 7 -14.95 2.88 -6.89
C LEU A 7 -14.77 2.20 -5.55
N LYS A 8 -13.56 2.28 -5.00
CA LYS A 8 -13.25 1.74 -3.68
C LYS A 8 -13.01 2.82 -2.63
N PHE A 9 -12.33 3.91 -2.99
CA PHE A 9 -11.98 4.94 -2.02
C PHE A 9 -11.96 6.30 -2.70
N THR A 10 -12.33 7.32 -1.93
CA THR A 10 -12.12 8.72 -2.30
C THR A 10 -11.18 9.32 -1.27
N LEU A 11 -10.06 9.85 -1.74
CA LEU A 11 -9.01 10.37 -0.88
C LEU A 11 -9.08 11.90 -0.88
N ALA A 12 -9.37 12.49 0.27
CA ALA A 12 -9.47 13.92 0.39
C ALA A 12 -8.35 14.52 1.23
N GLY A 13 -8.03 15.78 1.00
CA GLY A 13 -6.99 16.44 1.74
C GLY A 13 -6.26 17.59 1.08
N HIS A 14 -6.03 17.49 -0.22
CA HIS A 14 -5.42 18.58 -0.93
C HIS A 14 -6.45 19.74 -0.89
N THR A 15 -5.93 20.95 -0.84
CA THR A 15 -6.75 22.15 -0.73
C THR A 15 -6.81 22.96 -2.02
N LYS A 16 -6.10 22.52 -3.06
CA LYS A 16 -6.21 23.08 -4.40
C LYS A 16 -6.24 21.92 -5.40
N ALA A 17 -6.24 22.25 -6.68
CA ALA A 17 -6.27 21.23 -7.73
C ALA A 17 -5.16 20.21 -7.54
N VAL A 18 -5.49 18.94 -7.75
CA VAL A 18 -4.47 17.92 -7.80
C VAL A 18 -3.80 17.98 -9.16
N SER A 19 -2.52 17.67 -9.23
CA SER A 19 -1.79 17.76 -10.48
C SER A 19 -1.31 16.43 -11.01
N SER A 20 -0.94 15.48 -10.14
N SER A 20 -0.94 15.49 -10.14
CA SER A 20 -0.39 14.21 -10.57
CA SER A 20 -0.43 14.20 -10.58
C SER A 20 -0.55 13.18 -9.46
C SER A 20 -0.58 13.19 -9.46
N VAL A 21 -0.76 11.93 -9.85
CA VAL A 21 -0.76 10.81 -8.91
C VAL A 21 0.12 9.72 -9.51
N LYS A 22 0.91 9.05 -8.66
CA LYS A 22 1.81 8.00 -9.10
C LYS A 22 1.86 6.89 -8.05
N PHE A 23 1.76 5.64 -8.49
CA PHE A 23 1.93 4.52 -7.58
C PHE A 23 3.41 4.21 -7.39
N SER A 24 3.80 3.89 -6.16
CA SER A 24 5.16 3.43 -5.92
C SER A 24 5.42 2.17 -6.73
N PRO A 25 6.66 1.97 -7.20
CA PRO A 25 6.97 0.74 -7.93
C PRO A 25 6.68 -0.53 -7.14
N ASN A 26 6.83 -0.52 -5.82
CA ASN A 26 6.52 -1.72 -5.04
C ASN A 26 5.02 -1.85 -4.74
N GLY A 27 4.19 -0.99 -5.32
CA GLY A 27 2.75 -1.11 -5.23
C GLY A 27 2.15 -0.65 -3.93
N GLU A 28 2.97 -0.22 -2.97
CA GLU A 28 2.52 -0.01 -1.61
C GLU A 28 1.88 1.37 -1.42
N TRP A 29 2.32 2.38 -2.16
CA TRP A 29 1.91 3.75 -1.92
C TRP A 29 1.36 4.40 -3.18
N LEU A 30 0.51 5.38 -2.98
CA LEU A 30 0.19 6.39 -3.99
C LEU A 30 0.73 7.72 -3.51
N ALA A 31 1.40 8.44 -4.40
CA ALA A 31 1.84 9.80 -4.15
C ALA A 31 1.02 10.74 -5.01
N SER A 32 0.65 11.89 -4.44
CA SER A 32 -0.09 12.91 -5.14
C SER A 32 0.62 14.24 -4.96
N SER A 33 0.57 15.08 -5.99
CA SER A 33 1.09 16.43 -5.92
C SER A 33 -0.06 17.40 -6.20
N SER A 34 0.06 18.63 -5.70
CA SER A 34 -1.04 19.56 -5.89
C SER A 34 -0.54 20.98 -6.09
N ALA A 35 -1.44 21.82 -6.60
CA ALA A 35 -1.19 23.26 -6.66
C ALA A 35 -1.09 23.87 -5.27
N ASP A 36 -1.50 23.16 -4.23
CA ASP A 36 -1.40 23.64 -2.85
C ASP A 36 0.03 23.51 -2.29
N LYS A 37 1.00 23.21 -3.15
CA LYS A 37 2.44 23.09 -2.84
C LYS A 37 2.79 21.82 -2.07
N LEU A 38 1.86 20.89 -1.93
CA LEU A 38 2.07 19.70 -1.10
C LEU A 38 2.15 18.42 -1.93
N ILE A 39 2.93 17.48 -1.41
CA ILE A 39 2.89 16.09 -1.81
C ILE A 39 2.20 15.32 -0.69
N LYS A 40 1.31 14.42 -1.04
CA LYS A 40 0.69 13.55 -0.06
C LYS A 40 0.91 12.09 -0.42
N ILE A 41 1.11 11.28 0.61
CA ILE A 41 1.33 9.84 0.47
C ILE A 41 0.14 9.14 1.12
N TRP A 42 -0.41 8.16 0.39
CA TRP A 42 -1.59 7.40 0.74
C TRP A 42 -1.33 5.91 0.56
N GLY A 43 -1.99 5.09 1.36
CA GLY A 43 -1.88 3.64 1.18
C GLY A 43 -2.64 3.18 -0.04
N ALA A 44 -1.99 2.36 -0.88
CA ALA A 44 -2.57 2.02 -2.18
C ALA A 44 -3.77 1.09 -2.04
N TYR A 45 -3.85 0.30 -0.97
CA TYR A 45 -4.85 -0.74 -0.85
C TYR A 45 -5.97 -0.42 0.14
N ASP A 46 -5.73 0.47 1.11
CA ASP A 46 -6.77 0.90 2.02
C ASP A 46 -7.09 2.38 1.89
N GLY A 47 -6.39 3.10 1.00
CA GLY A 47 -6.62 4.51 0.83
C GLY A 47 -6.25 5.39 2.00
N LYS A 48 -5.59 4.85 3.02
CA LYS A 48 -5.35 5.60 4.24
C LYS A 48 -4.27 6.65 4.03
N PHE A 49 -4.59 7.90 4.36
CA PHE A 49 -3.59 8.97 4.31
C PHE A 49 -2.41 8.61 5.18
N GLU A 50 -1.22 8.71 4.61
CA GLU A 50 0.00 8.41 5.34
C GLU A 50 0.73 9.66 5.80
N LYS A 51 1.03 10.59 4.88
CA LYS A 51 1.76 11.76 5.34
C LYS A 51 1.72 12.87 4.29
N THR A 52 2.09 14.06 4.74
CA THR A 52 2.26 15.23 3.88
C THR A 52 3.73 15.61 3.84
N ILE A 53 4.21 15.92 2.64
CA ILE A 53 5.59 16.33 2.40
C ILE A 53 5.54 17.73 1.82
N SER A 54 6.14 18.66 2.56
CA SER A 54 6.12 20.07 2.19
C SER A 54 7.51 20.70 2.18
N GLY A 55 7.61 21.78 1.41
CA GLY A 55 8.82 22.49 1.24
C GLY A 55 8.90 23.35 0.01
N HIS A 56 8.20 22.96 -1.05
CA HIS A 56 8.21 23.80 -2.23
C HIS A 56 7.51 25.16 -1.91
N LYS A 57 7.92 26.21 -2.58
CA LYS A 57 7.39 27.55 -2.34
C LYS A 57 6.16 27.86 -3.19
N LEU A 58 5.92 27.09 -4.25
CA LEU A 58 4.78 27.28 -5.13
C LEU A 58 4.22 25.91 -5.49
N GLY A 59 3.18 25.90 -6.33
CA GLY A 59 2.49 24.66 -6.64
C GLY A 59 3.39 23.65 -7.35
N ILE A 60 2.95 22.39 -7.32
CA ILE A 60 3.70 21.28 -7.89
C ILE A 60 2.91 20.70 -9.05
N SER A 61 3.59 20.44 -10.17
CA SER A 61 2.93 19.88 -11.35
C SER A 61 3.07 18.38 -11.46
N ASP A 62 4.08 17.79 -10.86
CA ASP A 62 4.40 16.39 -11.13
C ASP A 62 5.23 15.83 -9.98
N VAL A 63 5.09 14.52 -9.78
CA VAL A 63 5.94 13.77 -8.86
C VAL A 63 6.27 12.44 -9.53
N ALA A 64 7.40 11.85 -9.13
CA ALA A 64 7.80 10.56 -9.66
C ALA A 64 8.61 9.79 -8.60
N TRP A 65 8.57 8.47 -8.68
CA TRP A 65 9.19 7.57 -7.71
C TRP A 65 10.52 7.02 -8.22
N SER A 66 11.47 6.84 -7.31
CA SER A 66 12.64 6.03 -7.60
C SER A 66 12.27 4.55 -7.67
N SER A 67 13.15 3.75 -8.27
CA SER A 67 12.82 2.35 -8.55
C SER A 67 12.74 1.51 -7.28
N ASP A 68 13.42 1.90 -6.20
CA ASP A 68 13.31 1.20 -4.94
C ASP A 68 12.21 1.74 -4.05
N SER A 69 11.40 2.68 -4.55
CA SER A 69 10.25 3.25 -3.87
C SER A 69 10.64 4.08 -2.65
N ASN A 70 11.93 4.41 -2.49
CA ASN A 70 12.39 5.14 -1.32
C ASN A 70 12.50 6.64 -1.54
N LEU A 71 12.60 7.09 -2.77
CA LEU A 71 12.79 8.49 -3.09
C LEU A 71 11.66 9.00 -3.96
N LEU A 72 11.37 10.29 -3.83
CA LEU A 72 10.44 10.97 -4.73
C LEU A 72 11.13 12.19 -5.32
N VAL A 73 10.76 12.55 -6.54
CA VAL A 73 11.16 13.83 -7.10
C VAL A 73 9.89 14.61 -7.42
N SER A 74 9.94 15.92 -7.18
CA SER A 74 8.81 16.81 -7.42
C SER A 74 9.28 17.97 -8.29
N ALA A 75 8.41 18.41 -9.18
CA ALA A 75 8.65 19.53 -10.09
C ALA A 75 7.70 20.66 -9.77
N SER A 76 8.22 21.87 -9.49
CA SER A 76 7.39 22.94 -8.97
C SER A 76 7.46 24.22 -9.80
N ASP A 77 6.41 25.04 -9.66
CA ASP A 77 6.41 26.40 -10.21
C ASP A 77 7.49 27.28 -9.61
N ASP A 78 8.08 26.90 -8.48
CA ASP A 78 9.16 27.69 -7.90
C ASP A 78 10.48 27.51 -8.66
N LYS A 79 10.40 26.89 -9.84
CA LYS A 79 11.50 26.67 -10.79
C LYS A 79 12.48 25.61 -10.32
N THR A 80 12.19 24.92 -9.24
CA THR A 80 13.08 23.86 -8.75
C THR A 80 12.42 22.50 -8.87
N LEU A 81 13.27 21.47 -8.79
CA LEU A 81 12.83 20.14 -8.44
C LEU A 81 13.36 19.81 -7.06
N LYS A 82 12.66 18.94 -6.35
CA LYS A 82 13.16 18.51 -5.06
C LYS A 82 13.20 17.00 -4.99
N ILE A 83 14.27 16.47 -4.43
CA ILE A 83 14.41 15.06 -4.14
C ILE A 83 14.14 14.85 -2.67
N TRP A 84 13.18 13.96 -2.37
CA TRP A 84 12.70 13.66 -1.02
C TRP A 84 12.96 12.21 -0.65
N ASP A 85 13.24 12.02 0.63
CA ASP A 85 13.23 10.71 1.28
C ASP A 85 11.81 10.48 1.79
N VAL A 86 11.12 9.49 1.21
CA VAL A 86 9.72 9.26 1.56
C VAL A 86 9.58 8.86 3.03
N SER A 87 10.53 8.07 3.53
CA SER A 87 10.45 7.56 4.89
C SER A 87 10.49 8.67 5.93
N SER A 88 11.36 9.67 5.71
CA SER A 88 11.53 10.76 6.66
C SER A 88 10.75 12.02 6.28
N GLY A 89 10.31 12.13 5.03
CA GLY A 89 9.73 13.38 4.54
C GLY A 89 10.73 14.47 4.28
N LYS A 90 12.03 14.22 4.44
CA LYS A 90 13.03 15.27 4.36
C LYS A 90 13.43 15.54 2.92
N CYS A 91 13.69 16.81 2.62
CA CYS A 91 14.16 17.17 1.29
C CYS A 91 15.65 16.88 1.25
N LEU A 92 16.04 15.92 0.41
CA LEU A 92 17.45 15.59 0.29
C LEU A 92 18.17 16.57 -0.62
N LYS A 93 17.59 16.97 -1.73
CA LYS A 93 18.26 17.91 -2.63
C LYS A 93 17.25 18.84 -3.32
N THR A 94 17.71 20.01 -3.68
CA THR A 94 16.93 20.97 -4.41
C THR A 94 17.71 21.17 -5.69
N LEU A 95 17.06 20.85 -6.79
CA LEU A 95 17.60 20.92 -8.11
C LEU A 95 17.30 22.27 -8.78
N LYS A 96 18.34 23.05 -8.91
CA LYS A 96 18.22 24.39 -9.44
C LYS A 96 18.93 24.59 -10.79
N GLY A 97 18.25 25.26 -11.69
CA GLY A 97 18.77 25.52 -13.00
C GLY A 97 17.75 26.08 -14.02
N HIS A 98 16.55 25.55 -13.98
CA HIS A 98 15.50 26.00 -14.86
C HIS A 98 15.18 27.45 -14.54
N SER A 99 14.84 28.23 -15.57
CA SER A 99 14.52 29.64 -15.39
C SER A 99 13.02 29.94 -15.26
N ASN A 100 12.20 28.90 -15.31
CA ASN A 100 10.77 29.03 -15.23
C ASN A 100 10.14 27.71 -14.68
N TYR A 101 8.84 27.72 -14.57
CA TYR A 101 8.14 26.58 -13.96
C TYR A 101 8.67 25.26 -14.48
N VAL A 102 8.90 24.31 -13.57
CA VAL A 102 9.18 22.93 -13.94
C VAL A 102 7.86 22.18 -14.00
N PHE A 103 7.56 21.58 -15.16
CA PHE A 103 6.26 20.98 -15.42
C PHE A 103 6.24 19.45 -15.29
N CYS A 104 7.38 18.77 -15.46
CA CYS A 104 7.37 17.32 -15.55
C CYS A 104 8.71 16.76 -15.11
N CYS A 105 8.70 15.53 -14.59
CA CYS A 105 9.91 14.91 -14.05
C CYS A 105 9.77 13.39 -13.99
N ASN A 106 10.91 12.71 -13.96
CA ASN A 106 10.95 11.25 -13.92
C ASN A 106 12.36 10.79 -13.57
N PHE A 107 12.46 9.72 -12.78
CA PHE A 107 13.71 8.98 -12.61
C PHE A 107 13.93 8.05 -13.80
N ASN A 108 15.19 7.70 -14.05
CA ASN A 108 15.46 6.59 -14.95
C ASN A 108 15.37 5.28 -14.17
N PRO A 109 15.34 4.12 -14.86
CA PRO A 109 15.16 2.85 -14.13
C PRO A 109 16.21 2.59 -13.08
N GLN A 110 17.46 2.93 -13.36
N GLN A 110 17.47 2.92 -13.39
CA GLN A 110 18.49 2.79 -12.34
CA GLN A 110 18.57 2.86 -12.41
C GLN A 110 18.31 3.81 -11.22
C GLN A 110 18.33 3.81 -11.25
N SER A 111 17.59 4.89 -11.49
CA SER A 111 17.30 5.94 -10.51
C SER A 111 18.57 6.64 -10.03
N ASN A 112 19.58 6.68 -10.88
CA ASN A 112 20.71 7.58 -10.67
C ASN A 112 20.55 8.91 -11.41
N LEU A 113 19.57 9.02 -12.29
CA LEU A 113 19.34 10.26 -13.04
C LEU A 113 17.88 10.69 -12.92
N ILE A 114 17.68 12.00 -13.01
CA ILE A 114 16.35 12.58 -13.10
C ILE A 114 16.27 13.39 -14.39
N VAL A 115 15.13 13.31 -15.09
CA VAL A 115 14.90 14.14 -16.26
C VAL A 115 13.77 15.12 -15.94
N SER A 116 13.92 16.36 -16.39
CA SER A 116 12.93 17.40 -16.12
C SER A 116 12.63 18.17 -17.39
N GLY A 117 11.41 18.69 -17.46
CA GLY A 117 11.02 19.59 -18.53
C GLY A 117 10.34 20.81 -17.93
N SER A 118 10.47 21.93 -18.62
CA SER A 118 10.07 23.20 -18.02
C SER A 118 9.39 24.11 -19.02
N PHE A 119 8.62 25.05 -18.47
CA PHE A 119 8.10 26.19 -19.22
C PHE A 119 9.22 26.93 -19.95
N ASP A 120 10.46 26.84 -19.46
CA ASP A 120 11.58 27.53 -20.10
C ASP A 120 12.05 26.83 -21.41
N GLU A 121 11.33 25.79 -21.84
CA GLU A 121 11.46 25.10 -23.13
C GLU A 121 12.65 24.16 -23.17
N SER A 122 13.30 23.91 -22.04
CA SER A 122 14.47 23.05 -21.96
C SER A 122 14.12 21.75 -21.27
N VAL A 123 14.93 20.73 -21.57
CA VAL A 123 14.92 19.48 -20.82
C VAL A 123 16.24 19.40 -20.08
N ARG A 124 16.22 19.02 -18.81
CA ARG A 124 17.45 18.90 -18.05
C ARG A 124 17.61 17.49 -17.50
N ILE A 125 18.86 17.05 -17.45
CA ILE A 125 19.23 15.76 -16.88
C ILE A 125 20.14 16.02 -15.69
N TRP A 126 19.76 15.44 -14.55
CA TRP A 126 20.32 15.72 -13.22
C TRP A 126 20.89 14.45 -12.60
N ASP A 127 21.98 14.63 -11.86
CA ASP A 127 22.59 13.56 -11.08
C ASP A 127 21.90 13.46 -9.72
N VAL A 128 21.25 12.33 -9.47
CA VAL A 128 20.48 12.15 -8.23
C VAL A 128 21.38 12.31 -7.01
N LYS A 129 22.59 11.76 -7.06
CA LYS A 129 23.45 11.73 -5.89
C LYS A 129 23.91 13.13 -5.49
N THR A 130 24.36 13.93 -6.47
CA THR A 130 24.90 15.25 -6.15
C THR A 130 23.90 16.39 -6.35
N GLY A 131 22.80 16.15 -7.06
CA GLY A 131 21.89 17.23 -7.38
C GLY A 131 22.38 18.18 -8.46
N LYS A 132 23.51 17.89 -9.08
CA LYS A 132 24.02 18.75 -10.13
C LYS A 132 23.32 18.47 -11.46
N CYS A 133 23.09 19.54 -12.23
CA CYS A 133 22.57 19.39 -13.57
C CYS A 133 23.69 18.88 -14.48
N LEU A 134 23.49 17.73 -15.08
CA LEU A 134 24.51 17.16 -15.96
C LEU A 134 24.39 17.68 -17.39
N LYS A 135 23.16 17.82 -17.89
CA LYS A 135 22.96 18.27 -19.26
C LYS A 135 21.73 19.17 -19.35
N THR A 136 21.82 20.19 -20.18
CA THR A 136 20.67 21.03 -20.54
C THR A 136 20.46 20.93 -22.04
N LEU A 137 19.32 20.37 -22.43
CA LEU A 137 18.94 20.17 -23.82
C LEU A 137 18.01 21.29 -24.27
N PRO A 138 18.37 22.00 -25.35
CA PRO A 138 17.47 23.00 -25.98
C PRO A 138 16.40 22.24 -26.74
N ALA A 139 15.47 21.67 -25.98
CA ALA A 139 14.63 20.59 -26.49
C ALA A 139 13.50 21.11 -27.38
N HIS A 140 12.90 22.24 -27.04
CA HIS A 140 11.66 22.63 -27.71
C HIS A 140 11.60 24.16 -27.84
N SER A 141 10.56 24.62 -28.54
CA SER A 141 10.34 26.05 -28.77
C SER A 141 9.08 26.54 -28.06
N ASP A 142 8.59 25.77 -27.10
CA ASP A 142 7.45 26.11 -26.26
C ASP A 142 7.55 25.24 -25.01
N PRO A 143 6.70 25.45 -24.00
CA PRO A 143 6.83 24.67 -22.77
C PRO A 143 6.85 23.17 -23.02
N VAL A 144 7.68 22.47 -22.24
CA VAL A 144 7.83 21.03 -22.31
C VAL A 144 6.75 20.41 -21.42
N SER A 145 5.88 19.60 -22.01
CA SER A 145 4.74 19.06 -21.29
C SER A 145 4.99 17.71 -20.62
N ALA A 146 5.96 16.93 -21.10
CA ALA A 146 6.23 15.63 -20.50
C ALA A 146 7.66 15.19 -20.84
N VAL A 147 8.23 14.37 -19.96
CA VAL A 147 9.55 13.74 -20.16
C VAL A 147 9.48 12.34 -19.57
N HIS A 148 10.06 11.36 -20.27
CA HIS A 148 9.95 9.98 -19.82
C HIS A 148 11.16 9.18 -20.32
N PHE A 149 11.74 8.37 -19.43
CA PHE A 149 12.78 7.43 -19.81
C PHE A 149 12.16 6.14 -20.34
N ASN A 150 12.86 5.49 -21.26
CA ASN A 150 12.43 4.19 -21.76
C ASN A 150 12.82 3.10 -20.77
N ARG A 151 12.63 1.84 -21.17
CA ARG A 151 12.64 0.72 -20.23
C ARG A 151 13.99 0.54 -19.52
N ASP A 152 15.08 0.90 -20.19
CA ASP A 152 16.41 0.76 -19.61
C ASP A 152 17.12 2.09 -19.42
N GLY A 153 16.43 3.21 -19.67
CA GLY A 153 17.02 4.52 -19.49
C GLY A 153 17.88 5.00 -20.62
N SER A 154 18.01 4.23 -21.71
CA SER A 154 18.87 4.65 -22.81
C SER A 154 18.33 5.88 -23.52
N LEU A 155 17.01 6.03 -23.56
CA LEU A 155 16.36 7.09 -24.30
C LEU A 155 15.46 7.92 -23.41
N ILE A 156 15.27 9.17 -23.80
CA ILE A 156 14.26 10.07 -23.22
C ILE A 156 13.30 10.44 -24.34
N VAL A 157 12.02 10.51 -24.01
CA VAL A 157 11.03 11.11 -24.92
C VAL A 157 10.53 12.40 -24.27
N SER A 158 10.40 13.44 -25.08
CA SER A 158 9.84 14.70 -24.61
C SER A 158 8.72 15.16 -25.54
N SER A 159 7.77 15.92 -24.97
CA SER A 159 6.63 16.47 -25.68
C SER A 159 6.55 17.96 -25.38
N SER A 160 5.91 18.71 -26.27
CA SER A 160 5.83 20.14 -26.07
C SER A 160 4.60 20.71 -26.75
N TYR A 161 4.15 21.86 -26.24
CA TYR A 161 3.11 22.64 -26.92
C TYR A 161 3.53 23.12 -28.30
N ASP A 162 4.83 23.07 -28.63
CA ASP A 162 5.24 23.39 -29.99
C ASP A 162 4.80 22.35 -31.01
N GLY A 163 4.14 21.30 -30.56
CA GLY A 163 3.60 20.29 -31.45
C GLY A 163 4.52 19.13 -31.73
N LEU A 164 5.67 19.08 -31.07
CA LEU A 164 6.68 18.08 -31.38
C LEU A 164 6.82 17.04 -30.26
N CYS A 165 7.11 15.81 -30.67
N CYS A 165 7.16 15.84 -30.68
CA CYS A 165 7.69 14.79 -29.81
CA CYS A 165 7.69 14.81 -29.81
C CYS A 165 9.12 14.54 -30.25
C CYS A 165 9.12 14.51 -30.25
N ARG A 166 10.02 14.36 -29.29
CA ARG A 166 11.42 14.14 -29.63
C ARG A 166 12.02 13.02 -28.79
N ILE A 167 12.84 12.19 -29.44
CA ILE A 167 13.59 11.10 -28.83
C ILE A 167 15.04 11.52 -28.71
N TRP A 168 15.57 11.46 -27.49
CA TRP A 168 16.92 11.87 -27.12
C TRP A 168 17.73 10.69 -26.62
N ASP A 169 18.98 10.62 -27.03
CA ASP A 169 19.94 9.69 -26.46
C ASP A 169 20.39 10.21 -25.10
N THR A 170 20.13 9.42 -24.04
CA THR A 170 20.41 9.91 -22.69
C THR A 170 21.88 10.24 -22.50
N ALA A 171 22.77 9.33 -22.95
CA ALA A 171 24.19 9.47 -22.66
C ALA A 171 24.80 10.70 -23.31
N SER A 172 24.39 11.00 -24.54
CA SER A 172 24.98 12.11 -25.28
C SER A 172 24.10 13.36 -25.28
N GLY A 173 22.82 13.24 -24.95
CA GLY A 173 21.92 14.36 -25.06
C GLY A 173 21.52 14.74 -26.48
N GLN A 174 21.88 13.93 -27.47
CA GLN A 174 21.58 14.25 -28.86
C GLN A 174 20.18 13.79 -29.23
N CYS A 175 19.50 14.58 -30.06
CA CYS A 175 18.14 14.26 -30.48
C CYS A 175 18.22 13.22 -31.60
N LEU A 176 17.72 12.02 -31.32
CA LEU A 176 17.73 10.97 -32.32
C LEU A 176 16.57 11.08 -33.30
N LYS A 177 15.42 11.54 -32.82
CA LYS A 177 14.27 11.58 -33.72
C LYS A 177 13.33 12.70 -33.34
N THR A 178 12.74 13.35 -34.34
CA THR A 178 11.68 14.34 -34.15
C THR A 178 10.46 13.87 -34.92
N LEU A 179 9.34 13.72 -34.22
CA LEU A 179 8.10 13.25 -34.85
C LEU A 179 7.26 14.45 -35.26
N ILE A 180 7.05 14.58 -36.58
CA ILE A 180 6.32 15.71 -37.15
C ILE A 180 5.29 15.21 -38.16
N ASP A 183 0.64 18.52 -39.85
CA ASP A 183 0.06 19.45 -38.89
C ASP A 183 0.48 19.09 -37.46
N ASN A 184 0.48 20.08 -36.57
CA ASN A 184 1.11 19.96 -35.25
C ASN A 184 0.25 20.62 -34.18
N PRO A 185 -0.78 19.93 -33.69
CA PRO A 185 -1.43 20.40 -32.48
C PRO A 185 -0.49 20.30 -31.30
N PRO A 186 -0.68 21.12 -30.27
CA PRO A 186 0.14 20.99 -29.07
C PRO A 186 0.10 19.58 -28.50
N VAL A 187 1.27 19.06 -28.14
CA VAL A 187 1.39 17.74 -27.52
C VAL A 187 1.44 17.96 -26.01
N SER A 188 0.42 17.46 -25.33
CA SER A 188 0.24 17.72 -23.90
C SER A 188 0.82 16.62 -23.01
N PHE A 189 1.12 15.45 -23.58
CA PHE A 189 1.67 14.36 -22.79
C PHE A 189 2.30 13.34 -23.72
N VAL A 190 3.32 12.63 -23.23
CA VAL A 190 3.93 11.53 -23.97
C VAL A 190 4.63 10.60 -22.98
N LYS A 191 4.73 9.32 -23.36
CA LYS A 191 5.48 8.35 -22.59
C LYS A 191 5.77 7.12 -23.44
N PHE A 192 6.86 6.43 -23.11
CA PHE A 192 7.23 5.20 -23.80
C PHE A 192 6.26 4.07 -23.45
N SER A 193 6.10 3.15 -24.38
CA SER A 193 5.30 1.96 -24.14
C SER A 193 6.06 0.97 -23.25
N PRO A 194 5.37 0.01 -22.64
CA PRO A 194 6.05 -0.99 -21.80
C PRO A 194 7.24 -1.67 -22.47
N ASN A 195 7.14 -2.03 -23.74
CA ASN A 195 8.27 -2.67 -24.41
C ASN A 195 9.30 -1.68 -24.94
N GLY A 196 9.07 -0.37 -24.75
CA GLY A 196 10.01 0.64 -25.19
C GLY A 196 10.04 0.92 -26.68
N LYS A 197 9.24 0.21 -27.47
CA LYS A 197 9.28 0.38 -28.92
C LYS A 197 8.33 1.45 -29.42
N TYR A 198 7.33 1.83 -28.63
CA TYR A 198 6.31 2.77 -29.04
C TYR A 198 6.23 3.94 -28.08
N ILE A 199 5.55 4.99 -28.54
N ILE A 199 5.58 5.02 -28.52
CA ILE A 199 5.27 6.18 -27.75
CA ILE A 199 5.30 6.14 -27.64
C ILE A 199 3.76 6.41 -27.75
C ILE A 199 3.84 6.50 -27.75
N LEU A 200 3.23 6.82 -26.61
CA LEU A 200 1.84 7.22 -26.50
C LEU A 200 1.81 8.72 -26.27
N ALA A 201 1.19 9.46 -27.19
CA ALA A 201 1.21 10.91 -27.14
C ALA A 201 -0.21 11.45 -27.18
N ALA A 202 -0.50 12.42 -26.33
CA ALA A 202 -1.78 13.10 -26.31
C ALA A 202 -1.62 14.47 -26.94
N THR A 203 -2.56 14.84 -27.80
CA THR A 203 -2.57 16.18 -28.37
C THR A 203 -3.88 16.88 -28.00
N LEU A 204 -3.83 18.21 -28.00
CA LEU A 204 -4.94 19.02 -27.51
C LEU A 204 -6.04 19.15 -28.56
N ASP A 205 -6.21 18.12 -29.38
CA ASP A 205 -7.34 17.96 -30.28
C ASP A 205 -8.13 16.69 -29.93
N ASN A 206 -8.21 16.40 -28.62
CA ASN A 206 -9.00 15.27 -28.12
C ASN A 206 -8.55 13.94 -28.73
N THR A 207 -7.23 13.75 -28.84
CA THR A 207 -6.69 12.58 -29.53
C THR A 207 -5.51 12.03 -28.78
N LEU A 208 -5.49 10.70 -28.61
CA LEU A 208 -4.31 9.95 -28.18
C LEU A 208 -3.80 9.13 -29.36
N LYS A 209 -2.48 9.01 -29.47
CA LYS A 209 -1.89 8.30 -30.60
C LYS A 209 -0.73 7.44 -30.14
N LEU A 210 -0.71 6.20 -30.60
CA LEU A 210 0.38 5.26 -30.38
C LEU A 210 1.22 5.21 -31.65
N TRP A 211 2.49 5.62 -31.51
CA TRP A 211 3.45 5.80 -32.59
C TRP A 211 4.60 4.79 -32.47
N ASP A 212 4.98 4.23 -33.60
CA ASP A 212 6.29 3.60 -33.75
C ASP A 212 7.24 4.72 -34.16
N TYR A 213 7.99 5.24 -33.20
CA TYR A 213 8.82 6.41 -33.46
C TYR A 213 10.02 6.10 -34.34
N SER A 214 10.48 4.84 -34.39
CA SER A 214 11.55 4.49 -35.32
C SER A 214 11.04 4.55 -36.76
N LYS A 215 9.85 4.02 -37.01
CA LYS A 215 9.26 4.05 -38.34
C LYS A 215 8.58 5.38 -38.63
N GLY A 216 8.29 6.18 -37.61
CA GLY A 216 7.50 7.37 -37.80
C GLY A 216 6.06 7.12 -38.21
N LYS A 217 5.50 5.98 -37.80
CA LYS A 217 4.17 5.57 -38.24
C LYS A 217 3.21 5.52 -37.05
N CYS A 218 2.01 6.06 -37.24
CA CYS A 218 1.00 6.01 -36.20
C CYS A 218 0.33 4.64 -36.26
N LEU A 219 0.47 3.87 -35.18
CA LEU A 219 -0.13 2.54 -35.14
C LEU A 219 -1.56 2.58 -34.64
N LYS A 220 -1.86 3.41 -33.65
CA LYS A 220 -3.20 3.40 -33.07
C LYS A 220 -3.63 4.82 -32.74
N THR A 221 -4.95 5.05 -32.79
CA THR A 221 -5.55 6.31 -32.40
C THR A 221 -6.70 6.03 -31.45
N TYR A 222 -6.75 6.77 -30.34
CA TYR A 222 -7.81 6.63 -29.34
C TYR A 222 -8.52 7.97 -29.18
N THR A 223 -9.84 7.96 -29.32
CA THR A 223 -10.64 9.19 -29.33
C THR A 223 -11.93 8.95 -28.55
N GLY A 224 -12.74 10.01 -28.43
CA GLY A 224 -14.00 9.98 -27.73
C GLY A 224 -14.01 10.77 -26.43
N HIS A 225 -12.84 11.04 -25.86
CA HIS A 225 -12.72 11.84 -24.66
C HIS A 225 -12.55 13.31 -25.02
N LYS A 226 -12.45 14.17 -24.00
CA LYS A 226 -12.26 15.60 -24.18
C LYS A 226 -10.89 15.99 -23.62
N ASN A 227 -10.05 16.58 -24.47
CA ASN A 227 -8.74 17.05 -24.04
C ASN A 227 -8.33 18.17 -25.00
N GLU A 228 -8.69 19.40 -24.63
CA GLU A 228 -8.33 20.56 -25.44
C GLU A 228 -7.50 21.59 -24.68
N LYS A 229 -7.27 21.39 -23.39
CA LYS A 229 -6.66 22.45 -22.59
C LYS A 229 -5.53 21.97 -21.70
N TYR A 230 -5.74 20.87 -20.96
CA TYR A 230 -4.86 20.51 -19.87
C TYR A 230 -3.89 19.40 -20.26
N CYS A 231 -2.75 19.39 -19.58
N CYS A 231 -2.76 19.37 -19.57
CA CYS A 231 -1.83 18.26 -19.64
CA CYS A 231 -1.85 18.25 -19.73
C CYS A 231 -2.44 17.11 -18.84
C CYS A 231 -2.37 17.09 -18.87
N ILE A 232 -2.93 16.09 -19.53
CA ILE A 232 -3.62 14.97 -18.88
C ILE A 232 -2.80 13.72 -19.14
N PHE A 233 -2.39 13.06 -18.06
CA PHE A 233 -1.60 11.85 -18.18
C PHE A 233 -2.40 10.75 -18.88
N ALA A 234 -1.68 9.88 -19.57
CA ALA A 234 -2.24 8.66 -20.10
C ALA A 234 -1.34 7.51 -19.66
N ASN A 235 -1.88 6.29 -19.70
CA ASN A 235 -1.17 5.14 -19.16
C ASN A 235 -1.47 3.90 -19.98
N PHE A 236 -0.54 2.96 -19.93
CA PHE A 236 -0.76 1.58 -20.33
C PHE A 236 -1.11 0.77 -19.09
N SER A 237 -2.21 0.02 -19.16
CA SER A 237 -2.62 -0.88 -18.08
C SER A 237 -2.18 -2.29 -18.48
N VAL A 238 -1.25 -2.84 -17.70
CA VAL A 238 -0.48 -4.04 -18.03
C VAL A 238 -0.79 -5.21 -17.11
N THR A 239 -1.65 -5.03 -16.12
CA THR A 239 -1.83 -6.05 -15.08
C THR A 239 -2.88 -7.08 -15.46
N GLY A 240 -3.87 -6.69 -16.26
CA GLY A 240 -4.86 -7.63 -16.76
C GLY A 240 -5.02 -7.47 -18.26
N GLY A 241 -6.22 -7.08 -18.69
CA GLY A 241 -6.39 -6.73 -20.09
C GLY A 241 -5.47 -5.60 -20.51
N LYS A 242 -5.09 -5.59 -21.78
CA LYS A 242 -4.20 -4.55 -22.28
C LYS A 242 -5.04 -3.31 -22.51
N TRP A 243 -4.93 -2.32 -21.63
CA TRP A 243 -5.78 -1.15 -21.76
C TRP A 243 -4.96 0.13 -21.92
N ILE A 244 -5.57 1.14 -22.56
CA ILE A 244 -5.09 2.51 -22.47
C ILE A 244 -6.02 3.26 -21.52
N VAL A 245 -5.46 4.01 -20.59
CA VAL A 245 -6.25 4.72 -19.57
C VAL A 245 -5.90 6.19 -19.59
N SER A 246 -6.91 7.05 -19.54
CA SER A 246 -6.60 8.48 -19.50
C SER A 246 -7.71 9.23 -18.78
N GLY A 247 -7.37 10.40 -18.26
CA GLY A 247 -8.36 11.32 -17.77
C GLY A 247 -9.03 12.07 -18.92
N SER A 248 -9.94 12.97 -18.56
CA SER A 248 -10.71 13.68 -19.57
C SER A 248 -11.28 14.96 -18.98
N GLU A 249 -11.51 15.93 -19.85
CA GLU A 249 -12.09 17.20 -19.42
C GLU A 249 -13.60 17.16 -19.33
N ASP A 250 -14.22 16.00 -19.55
CA ASP A 250 -15.64 15.81 -19.25
C ASP A 250 -15.84 15.09 -17.92
N ASN A 251 -14.83 15.08 -17.06
CA ASN A 251 -14.86 14.59 -15.67
C ASN A 251 -14.88 13.07 -15.57
N LEU A 252 -14.57 12.36 -16.64
CA LEU A 252 -14.62 10.90 -16.66
C LEU A 252 -13.22 10.32 -16.82
N VAL A 253 -13.07 9.07 -16.37
CA VAL A 253 -11.89 8.29 -16.72
C VAL A 253 -12.22 7.42 -17.92
N TYR A 254 -11.42 7.52 -18.99
CA TYR A 254 -11.63 6.70 -20.18
C TYR A 254 -10.67 5.52 -20.20
N ILE A 255 -11.20 4.36 -20.58
CA ILE A 255 -10.42 3.14 -20.75
C ILE A 255 -10.75 2.57 -22.12
N TRP A 256 -9.71 2.39 -22.95
CA TRP A 256 -9.81 1.86 -24.29
C TRP A 256 -9.11 0.50 -24.39
N ASN A 257 -9.63 -0.33 -25.29
CA ASN A 257 -8.92 -1.53 -25.72
C ASN A 257 -7.72 -1.13 -26.56
N LEU A 258 -6.52 -1.55 -26.14
CA LEU A 258 -5.29 -1.21 -26.85
C LEU A 258 -5.37 -1.52 -28.33
N GLN A 259 -5.78 -2.75 -28.68
CA GLN A 259 -5.68 -3.21 -30.06
C GLN A 259 -6.84 -2.73 -30.91
N THR A 260 -8.05 -2.75 -30.38
CA THR A 260 -9.23 -2.40 -31.17
C THR A 260 -9.55 -0.91 -31.13
N LYS A 261 -9.03 -0.17 -30.14
CA LYS A 261 -9.24 1.25 -29.93
C LYS A 261 -10.66 1.59 -29.48
N GLU A 262 -11.48 0.59 -29.17
CA GLU A 262 -12.83 0.86 -28.69
C GLU A 262 -12.79 1.25 -27.21
N ILE A 263 -13.64 2.20 -26.84
CA ILE A 263 -13.84 2.54 -25.44
C ILE A 263 -14.50 1.36 -24.75
N VAL A 264 -13.86 0.81 -23.72
CA VAL A 264 -14.42 -0.30 -22.99
C VAL A 264 -14.96 0.12 -21.63
N GLN A 265 -14.51 1.23 -21.06
CA GLN A 265 -15.16 1.70 -19.85
C GLN A 265 -14.98 3.19 -19.67
N LYS A 266 -15.98 3.83 -19.05
CA LYS A 266 -15.89 5.21 -18.60
C LYS A 266 -16.25 5.24 -17.12
N LEU A 267 -15.32 5.73 -16.30
CA LEU A 267 -15.51 5.79 -14.86
C LEU A 267 -16.07 7.16 -14.48
N GLN A 268 -17.26 7.15 -13.91
CA GLN A 268 -18.00 8.30 -13.48
C GLN A 268 -17.89 8.50 -11.97
N GLY A 269 -17.80 9.77 -11.57
CA GLY A 269 -17.69 10.14 -10.18
C GLY A 269 -17.04 11.45 -9.79
N HIS A 270 -15.98 11.83 -10.48
CA HIS A 270 -15.35 13.08 -10.21
C HIS A 270 -16.26 14.24 -10.66
N THR A 271 -16.08 15.39 -10.06
CA THR A 271 -16.88 16.58 -10.32
C THR A 271 -16.06 17.69 -10.96
N ASP A 272 -14.92 17.35 -11.55
CA ASP A 272 -14.10 18.29 -12.29
C ASP A 272 -13.21 17.48 -13.22
N VAL A 273 -12.49 18.19 -14.08
CA VAL A 273 -11.55 17.61 -15.03
C VAL A 273 -10.71 16.54 -14.37
N VAL A 274 -10.67 15.34 -14.95
CA VAL A 274 -9.80 14.28 -14.43
C VAL A 274 -8.42 14.53 -15.02
N ILE A 275 -7.56 15.17 -14.22
CA ILE A 275 -6.28 15.66 -14.72
C ILE A 275 -5.24 14.56 -14.73
N SER A 276 -5.35 13.58 -13.84
CA SER A 276 -4.29 12.58 -13.81
C SER A 276 -4.86 11.22 -13.49
N THR A 277 -4.24 10.19 -14.07
CA THR A 277 -4.55 8.80 -13.79
C THR A 277 -3.24 8.03 -13.68
N ALA A 278 -3.27 6.94 -12.92
CA ALA A 278 -2.12 6.07 -12.77
C ALA A 278 -2.64 4.65 -12.63
N CYS A 279 -1.83 3.70 -13.09
CA CYS A 279 -2.17 2.28 -13.05
C CYS A 279 -1.24 1.56 -12.09
N HIS A 280 -1.83 0.78 -11.19
CA HIS A 280 -1.04 0.04 -10.20
C HIS A 280 -0.14 -0.98 -10.89
N PRO A 281 1.09 -1.18 -10.38
CA PRO A 281 2.04 -2.07 -11.09
C PRO A 281 1.69 -3.55 -11.08
N THR A 282 0.91 -4.04 -10.12
CA THR A 282 0.64 -5.48 -10.08
C THR A 282 -0.84 -5.82 -9.96
N GLU A 283 -1.64 -4.92 -9.40
CA GLU A 283 -3.07 -5.13 -9.26
C GLU A 283 -3.84 -4.28 -10.27
N ASN A 284 -5.03 -4.75 -10.64
CA ASN A 284 -5.92 -3.99 -11.51
C ASN A 284 -6.56 -2.86 -10.72
N ILE A 285 -5.75 -1.85 -10.41
CA ILE A 285 -6.18 -0.69 -9.63
C ILE A 285 -5.80 0.57 -10.39
N ILE A 286 -6.73 1.51 -10.49
CA ILE A 286 -6.48 2.81 -11.12
C ILE A 286 -6.65 3.88 -10.06
N ALA A 287 -5.75 4.86 -10.06
CA ALA A 287 -5.94 6.08 -9.29
C ALA A 287 -6.25 7.23 -10.24
N SER A 288 -7.21 8.06 -9.87
CA SER A 288 -7.63 9.20 -10.68
C SER A 288 -7.65 10.44 -9.80
N ALA A 289 -7.40 11.60 -10.41
CA ALA A 289 -7.35 12.84 -9.66
C ALA A 289 -7.84 14.00 -10.52
N ALA A 290 -8.50 14.95 -9.86
CA ALA A 290 -9.30 15.98 -10.52
C ALA A 290 -8.93 17.38 -10.01
N LEU A 291 -9.44 18.38 -10.73
CA LEU A 291 -9.12 19.78 -10.51
C LEU A 291 -9.97 20.36 -9.37
N GLU A 292 -9.89 21.69 -9.18
CA GLU A 292 -10.20 22.33 -7.91
C GLU A 292 -11.69 22.35 -7.54
N ASN A 293 -12.60 21.99 -8.44
CA ASN A 293 -13.98 21.80 -7.99
C ASN A 293 -14.16 20.46 -7.29
N ASP A 294 -13.15 19.61 -7.31
CA ASP A 294 -13.20 18.25 -6.82
C ASP A 294 -12.12 18.08 -5.76
N LYS A 295 -10.86 18.19 -6.19
CA LYS A 295 -9.65 18.11 -5.35
C LYS A 295 -9.44 16.74 -4.72
N THR A 296 -10.17 15.71 -5.12
CA THR A 296 -9.97 14.40 -4.53
C THR A 296 -9.24 13.47 -5.49
N ILE A 297 -8.71 12.41 -4.90
CA ILE A 297 -8.17 11.25 -5.61
C ILE A 297 -9.13 10.10 -5.38
N LYS A 298 -9.43 9.34 -6.43
CA LYS A 298 -10.27 8.16 -6.33
C LYS A 298 -9.48 6.92 -6.72
N LEU A 299 -9.73 5.82 -6.00
CA LEU A 299 -9.11 4.53 -6.26
C LEU A 299 -10.18 3.57 -6.75
N TRP A 300 -9.90 2.87 -7.85
CA TRP A 300 -10.85 2.00 -8.51
C TRP A 300 -10.22 0.62 -8.69
N LYS A 301 -11.05 -0.43 -8.56
CA LYS A 301 -10.60 -1.81 -8.62
C LYS A 301 -11.40 -2.60 -9.65
N SER A 302 -10.70 -3.39 -10.47
CA SER A 302 -11.33 -4.22 -11.48
C SER A 302 -10.93 -5.68 -11.30
N ASP A 303 -11.78 -6.58 -11.81
CA ASP A 303 -11.46 -8.01 -11.81
C ASP A 303 -10.50 -8.38 -12.93
N CYS A 304 -10.43 -7.58 -13.99
CA CYS A 304 -9.51 -7.84 -15.11
C CYS A 304 -9.03 -6.51 -15.71
N VAL B 1 7.54 10.93 28.08
CA VAL B 1 6.20 10.84 27.51
C VAL B 1 5.60 9.45 27.75
N LYS B 2 4.43 9.42 28.35
CA LYS B 2 3.65 8.21 28.58
C LYS B 2 2.25 8.41 28.04
N PRO B 3 1.62 7.34 27.53
CA PRO B 3 0.20 7.44 27.19
C PRO B 3 -0.65 7.44 28.46
N ASN B 4 -1.93 7.74 28.28
CA ASN B 4 -2.87 7.75 29.41
C ASN B 4 -4.17 7.06 28.98
N TYR B 5 -4.02 5.81 28.52
CA TYR B 5 -5.17 5.02 28.11
C TYR B 5 -6.14 4.85 29.28
N ALA B 6 -7.42 5.12 29.03
CA ALA B 6 -8.47 4.98 30.02
C ALA B 6 -9.61 4.18 29.40
N LEU B 7 -10.28 3.40 30.24
CA LEU B 7 -11.36 2.54 29.78
C LEU B 7 -12.57 3.38 29.38
N LYS B 8 -13.11 3.10 28.19
CA LYS B 8 -14.30 3.77 27.68
C LYS B 8 -15.51 2.86 27.60
N PHE B 9 -15.32 1.62 27.16
CA PHE B 9 -16.42 0.69 26.95
C PHE B 9 -15.95 -0.73 27.26
N THR B 10 -16.86 -1.54 27.78
CA THR B 10 -16.67 -2.98 27.95
C THR B 10 -17.71 -3.70 27.12
N LEU B 11 -17.30 -4.62 26.28
CA LEU B 11 -18.18 -5.30 25.43
C LEU B 11 -18.37 -6.71 25.82
N ALA B 12 -19.62 -7.14 26.00
CA ALA B 12 -19.90 -8.52 26.38
C ALA B 12 -20.85 -9.18 25.38
N GLY B 13 -20.49 -10.37 24.91
CA GLY B 13 -21.33 -11.10 23.97
C GLY B 13 -20.91 -12.54 23.76
N HIS B 14 -19.60 -12.79 23.77
CA HIS B 14 -19.08 -14.13 23.59
C HIS B 14 -19.40 -15.03 24.77
N THR B 15 -19.66 -16.31 24.50
CA THR B 15 -19.96 -17.24 25.53
C THR B 15 -18.83 -18.19 25.93
N LYS B 16 -17.70 -18.08 25.29
CA LYS B 16 -16.49 -18.77 25.68
C LYS B 16 -15.33 -17.79 25.53
N ALA B 17 -14.11 -18.28 25.76
CA ALA B 17 -12.92 -17.45 25.66
C ALA B 17 -12.84 -16.76 24.30
N VAL B 18 -12.62 -15.45 24.33
CA VAL B 18 -12.29 -14.72 23.11
C VAL B 18 -10.86 -15.09 22.71
N SER B 19 -10.60 -15.12 21.41
CA SER B 19 -9.30 -15.54 20.92
C SER B 19 -8.53 -14.45 20.19
N SER B 20 -9.22 -13.52 19.53
N SER B 20 -9.21 -13.50 19.56
CA SER B 20 -8.54 -12.45 18.81
CA SER B 20 -8.53 -12.46 18.81
C SER B 20 -9.50 -11.30 18.60
C SER B 20 -9.50 -11.30 18.55
N VAL B 21 -8.95 -10.09 18.55
CA VAL B 21 -9.69 -8.88 18.18
C VAL B 21 -8.86 -8.14 17.15
N LYS B 22 -9.55 -7.59 16.13
CA LYS B 22 -8.88 -6.85 15.06
C LYS B 22 -9.76 -5.68 14.64
N PHE B 23 -9.16 -4.49 14.54
CA PHE B 23 -9.84 -3.34 13.95
C PHE B 23 -9.81 -3.42 12.43
N SER B 24 -10.90 -3.01 11.79
CA SER B 24 -10.91 -2.96 10.34
C SER B 24 -9.94 -1.88 9.85
N PRO B 25 -9.35 -2.07 8.67
CA PRO B 25 -8.44 -1.04 8.15
C PRO B 25 -9.09 0.34 8.02
N ASN B 26 -10.39 0.40 7.71
CA ASN B 26 -11.05 1.70 7.61
C ASN B 26 -11.39 2.29 8.98
N GLY B 27 -11.03 1.61 10.07
CA GLY B 27 -11.19 2.12 11.42
C GLY B 27 -12.61 2.11 11.96
N GLU B 28 -13.59 1.62 11.21
N GLU B 28 -13.59 1.62 11.21
CA GLU B 28 -14.98 1.71 11.62
CA GLU B 28 -15.00 1.70 11.59
C GLU B 28 -15.43 0.55 12.50
C GLU B 28 -15.45 0.54 12.46
N TRP B 29 -14.79 -0.61 12.41
CA TRP B 29 -15.25 -1.80 13.10
C TRP B 29 -14.14 -2.47 13.88
N LEU B 30 -14.56 -3.23 14.89
CA LEU B 30 -13.73 -4.21 15.56
C LEU B 30 -14.36 -5.57 15.33
N ALA B 31 -13.53 -6.56 15.00
CA ALA B 31 -13.98 -7.94 14.87
C ALA B 31 -13.37 -8.76 16.00
N SER B 32 -14.15 -9.70 16.55
CA SER B 32 -13.67 -10.60 17.57
C SER B 32 -13.99 -12.04 17.15
N SER B 33 -13.07 -12.96 17.49
CA SER B 33 -13.29 -14.38 17.30
C SER B 33 -13.34 -15.05 18.67
N SER B 34 -14.02 -16.18 18.74
CA SER B 34 -14.03 -16.84 20.04
C SER B 34 -14.10 -18.36 19.89
N ALA B 35 -13.76 -19.04 20.99
CA ALA B 35 -13.94 -20.49 21.06
C ALA B 35 -15.41 -20.90 20.99
N ASP B 36 -16.34 -19.95 21.15
CA ASP B 36 -17.77 -20.23 20.99
C ASP B 36 -18.18 -20.37 19.53
N LYS B 37 -17.22 -20.44 18.61
CA LYS B 37 -17.38 -20.64 17.16
C LYS B 37 -17.89 -19.41 16.45
N LEU B 38 -17.89 -18.24 17.08
CA LEU B 38 -18.53 -17.06 16.53
C LEU B 38 -17.51 -15.96 16.27
N ILE B 39 -17.81 -15.17 15.23
CA ILE B 39 -17.21 -13.86 15.00
C ILE B 39 -18.24 -12.82 15.37
N LYS B 40 -17.82 -11.77 16.05
CA LYS B 40 -18.72 -10.68 16.36
C LYS B 40 -18.13 -9.37 15.86
N ILE B 41 -18.99 -8.50 15.34
CA ILE B 41 -18.61 -7.20 14.80
C ILE B 41 -19.21 -6.14 15.72
N TRP B 42 -18.36 -5.21 16.17
CA TRP B 42 -18.71 -4.12 17.06
C TRP B 42 -18.25 -2.80 16.45
N GLY B 43 -18.96 -1.72 16.80
CA GLY B 43 -18.52 -0.39 16.38
C GLY B 43 -17.22 -0.01 17.07
N ALA B 44 -16.25 0.47 16.29
CA ALA B 44 -14.90 0.69 16.81
C ALA B 44 -14.85 1.85 17.80
N TYR B 45 -15.78 2.79 17.73
CA TYR B 45 -15.69 4.03 18.51
C TYR B 45 -16.60 4.02 19.73
N ASP B 46 -17.79 3.43 19.64
CA ASP B 46 -18.69 3.33 20.77
C ASP B 46 -18.90 1.90 21.26
N GLY B 47 -18.26 0.91 20.63
CA GLY B 47 -18.41 -0.46 21.06
C GLY B 47 -19.78 -1.05 20.85
N LYS B 48 -20.63 -0.41 20.04
CA LYS B 48 -21.99 -0.91 19.86
C LYS B 48 -21.97 -2.21 19.08
N PHE B 49 -22.67 -3.22 19.58
CA PHE B 49 -22.73 -4.51 18.90
C PHE B 49 -23.40 -4.35 17.55
N GLU B 50 -22.74 -4.84 16.50
CA GLU B 50 -23.27 -4.76 15.14
C GLU B 50 -23.85 -6.09 14.69
N LYS B 51 -23.06 -7.17 14.72
CA LYS B 51 -23.65 -8.42 14.22
C LYS B 51 -22.81 -9.62 14.64
N THR B 52 -23.42 -10.79 14.55
CA THR B 52 -22.75 -12.07 14.77
C THR B 52 -22.65 -12.83 13.46
N ILE B 53 -21.49 -13.44 13.23
CA ILE B 53 -21.18 -14.17 12.01
C ILE B 53 -20.84 -15.61 12.41
N SER B 54 -21.58 -16.54 11.89
CA SER B 54 -21.48 -17.90 12.24
C SER B 54 -21.44 -18.86 11.09
N GLY B 55 -21.00 -20.08 11.40
CA GLY B 55 -20.90 -21.11 10.41
C GLY B 55 -19.80 -22.12 10.69
N HIS B 56 -18.75 -21.75 11.40
CA HIS B 56 -17.71 -22.71 11.72
C HIS B 56 -18.31 -23.78 12.69
N LYS B 57 -17.79 -24.98 12.64
CA LYS B 57 -18.30 -26.07 13.47
C LYS B 57 -17.54 -26.23 14.79
N LEU B 58 -16.39 -25.57 14.94
CA LEU B 58 -15.63 -25.58 16.19
C LEU B 58 -15.04 -24.18 16.40
N GLY B 59 -14.31 -24.03 17.50
CA GLY B 59 -13.82 -22.72 17.89
C GLY B 59 -12.92 -22.07 16.85
N ILE B 60 -12.80 -20.76 16.96
CA ILE B 60 -12.02 -19.91 16.05
C ILE B 60 -10.84 -19.34 16.80
N SER B 61 -9.64 -19.45 16.22
CA SER B 61 -8.44 -18.93 16.86
C SER B 61 -8.07 -17.52 16.41
N ASP B 62 -8.52 -17.09 15.23
CA ASP B 62 -8.00 -15.86 14.64
C ASP B 62 -8.98 -15.37 13.58
N VAL B 63 -9.05 -14.06 13.38
N VAL B 63 -9.03 -14.04 13.42
CA VAL B 63 -9.69 -13.50 12.20
CA VAL B 63 -9.72 -13.36 12.32
C VAL B 63 -8.89 -12.31 11.73
C VAL B 63 -8.76 -12.37 11.69
N ALA B 64 -9.04 -12.01 10.43
CA ALA B 64 -8.27 -10.97 9.76
C ALA B 64 -9.15 -10.28 8.72
N TRP B 65 -8.92 -8.98 8.52
CA TRP B 65 -9.67 -8.15 7.59
C TRP B 65 -8.94 -8.00 6.27
N SER B 66 -9.72 -7.92 5.17
CA SER B 66 -9.17 -7.47 3.91
C SER B 66 -8.90 -5.96 3.95
N SER B 67 -8.05 -5.49 3.04
CA SER B 67 -7.65 -4.09 3.07
C SER B 67 -8.81 -3.14 2.83
N ASP B 68 -9.80 -3.54 2.04
CA ASP B 68 -10.97 -2.68 1.84
C ASP B 68 -12.01 -2.83 2.94
N SER B 69 -11.69 -3.56 4.01
CA SER B 69 -12.58 -3.84 5.14
C SER B 69 -13.88 -4.54 4.76
N ASN B 70 -13.98 -5.07 3.55
CA ASN B 70 -15.22 -5.72 3.13
C ASN B 70 -15.23 -7.22 3.41
N LEU B 71 -14.08 -7.85 3.58
CA LEU B 71 -13.99 -9.29 3.79
C LEU B 71 -13.35 -9.59 5.14
N LEU B 72 -13.73 -10.72 5.71
CA LEU B 72 -13.01 -11.30 6.86
C LEU B 72 -12.56 -12.71 6.51
N VAL B 73 -11.46 -13.15 7.11
CA VAL B 73 -11.08 -14.56 7.06
C VAL B 73 -10.94 -15.07 8.49
N SER B 74 -11.45 -16.28 8.74
CA SER B 74 -11.38 -16.92 10.06
C SER B 74 -10.63 -18.24 9.95
N ALA B 75 -9.94 -18.58 11.03
CA ALA B 75 -9.16 -19.81 11.14
C ALA B 75 -9.74 -20.63 12.28
N SER B 76 -10.10 -21.88 12.02
CA SER B 76 -10.88 -22.63 12.99
C SER B 76 -10.28 -23.98 13.33
N ASP B 77 -10.61 -24.47 14.54
CA ASP B 77 -10.31 -25.83 14.93
C ASP B 77 -11.00 -26.86 14.04
N ASP B 78 -12.01 -26.46 13.27
CA ASP B 78 -12.61 -27.41 12.34
C ASP B 78 -11.74 -27.68 11.13
N LYS B 79 -10.49 -27.25 11.15
CA LYS B 79 -9.46 -27.46 10.13
C LYS B 79 -9.67 -26.63 8.89
N THR B 80 -10.62 -25.71 8.89
CA THR B 80 -10.88 -24.88 7.73
C THR B 80 -10.64 -23.41 8.07
N LEU B 81 -10.43 -22.64 7.00
CA LEU B 81 -10.61 -21.20 7.08
C LEU B 81 -11.91 -20.84 6.36
N LYS B 82 -12.49 -19.72 6.74
CA LYS B 82 -13.67 -19.24 6.02
C LYS B 82 -13.50 -17.79 5.63
N ILE B 83 -13.87 -17.48 4.39
CA ILE B 83 -13.93 -16.11 3.88
C ILE B 83 -15.38 -15.65 3.92
N TRP B 84 -15.60 -14.54 4.62
CA TRP B 84 -16.91 -13.96 4.87
C TRP B 84 -17.04 -12.59 4.21
N ASP B 85 -18.22 -12.34 3.64
CA ASP B 85 -18.64 -10.99 3.30
C ASP B 85 -19.19 -10.32 4.54
N VAL B 86 -18.53 -9.26 5.01
CA VAL B 86 -18.88 -8.68 6.30
C VAL B 86 -20.26 -8.03 6.24
N SER B 87 -20.59 -7.42 5.09
CA SER B 87 -21.86 -6.71 4.98
C SER B 87 -23.04 -7.67 5.14
N SER B 88 -22.98 -8.83 4.49
CA SER B 88 -24.07 -9.80 4.55
C SER B 88 -23.89 -10.82 5.66
N GLY B 89 -22.65 -11.06 6.13
CA GLY B 89 -22.40 -12.15 7.04
C GLY B 89 -22.36 -13.50 6.40
N LYS B 90 -22.38 -13.57 5.07
CA LYS B 90 -22.41 -14.84 4.37
C LYS B 90 -21.01 -15.40 4.20
N CYS B 91 -20.90 -16.72 4.26
CA CYS B 91 -19.64 -17.40 3.99
C CYS B 91 -19.44 -17.48 2.48
N LEU B 92 -18.43 -16.77 1.98
CA LEU B 92 -18.15 -16.81 0.56
C LEU B 92 -17.35 -18.05 0.18
N LYS B 93 -16.37 -18.42 1.01
CA LYS B 93 -15.54 -19.56 0.67
C LYS B 93 -15.16 -20.32 1.93
N THR B 94 -15.05 -21.64 1.81
CA THR B 94 -14.45 -22.46 2.86
C THR B 94 -13.14 -23.03 2.31
N LEU B 95 -12.04 -22.68 2.95
CA LEU B 95 -10.70 -23.09 2.52
C LEU B 95 -10.32 -24.37 3.26
N LYS B 96 -10.27 -25.45 2.49
CA LYS B 96 -9.98 -26.79 2.99
C LYS B 96 -8.62 -27.31 2.51
N GLY B 97 -7.98 -28.03 3.37
CA GLY B 97 -6.68 -28.59 3.12
C GLY B 97 -5.80 -28.88 4.31
N HIS B 98 -5.82 -28.04 5.33
CA HIS B 98 -5.05 -28.33 6.51
C HIS B 98 -5.57 -29.66 7.15
N SER B 99 -4.66 -30.38 7.79
CA SER B 99 -5.04 -31.66 8.38
C SER B 99 -5.29 -31.56 9.87
N ASN B 100 -5.27 -30.37 10.44
CA ASN B 100 -5.54 -30.17 11.86
C ASN B 100 -5.94 -28.71 12.07
N TYR B 101 -6.07 -28.30 13.33
CA TYR B 101 -6.57 -26.96 13.65
C TYR B 101 -5.79 -25.88 12.90
N VAL B 102 -6.52 -24.88 12.39
CA VAL B 102 -5.91 -23.69 11.83
C VAL B 102 -5.82 -22.66 12.93
N PHE B 103 -4.60 -22.18 13.20
CA PHE B 103 -4.33 -21.33 14.34
C PHE B 103 -4.23 -19.84 13.99
N CYS B 104 -3.94 -19.50 12.75
CA CYS B 104 -3.60 -18.12 12.41
C CYS B 104 -3.88 -17.88 10.92
N CYS B 105 -4.16 -16.63 10.59
CA CYS B 105 -4.53 -16.27 9.22
C CYS B 105 -4.28 -14.79 9.00
N ASN B 106 -4.08 -14.43 7.73
CA ASN B 106 -3.91 -13.02 7.36
C ASN B 106 -4.09 -12.87 5.86
N PHE B 107 -4.65 -11.72 5.45
CA PHE B 107 -4.63 -11.31 4.05
C PHE B 107 -3.28 -10.67 3.73
N ASN B 108 -2.89 -10.70 2.46
CA ASN B 108 -1.82 -9.80 2.05
C ASN B 108 -2.40 -8.41 1.82
N PRO B 109 -1.57 -7.37 1.75
CA PRO B 109 -2.13 -6.02 1.53
C PRO B 109 -3.00 -5.91 0.31
N GLN B 110 -2.58 -6.51 -0.81
CA GLN B 110 -3.43 -6.55 -1.99
C GLN B 110 -4.73 -7.29 -1.74
N SER B 111 -4.76 -8.16 -0.73
CA SER B 111 -5.92 -8.95 -0.33
C SER B 111 -6.42 -9.87 -1.44
N ASN B 112 -5.54 -10.27 -2.36
CA ASN B 112 -5.85 -11.36 -3.26
C ASN B 112 -5.40 -12.72 -2.72
N LEU B 113 -4.61 -12.74 -1.65
CA LEU B 113 -4.10 -13.98 -1.06
C LEU B 113 -4.40 -14.01 0.43
N ILE B 114 -4.53 -15.23 0.95
CA ILE B 114 -4.61 -15.47 2.39
C ILE B 114 -3.48 -16.41 2.77
N VAL B 115 -2.85 -16.15 3.91
CA VAL B 115 -1.83 -17.04 4.47
C VAL B 115 -2.37 -17.63 5.76
N SER B 116 -2.13 -18.92 5.97
CA SER B 116 -2.61 -19.57 7.19
C SER B 116 -1.50 -20.43 7.78
N GLY B 117 -1.57 -20.62 9.10
CA GLY B 117 -0.71 -21.57 9.78
C GLY B 117 -1.53 -22.50 10.63
N SER B 118 -1.00 -23.71 10.84
CA SER B 118 -1.81 -24.77 11.42
C SER B 118 -1.02 -25.59 12.44
N PHE B 119 -1.79 -26.26 13.30
CA PHE B 119 -1.27 -27.32 14.14
C PHE B 119 -0.61 -28.42 13.31
N ASP B 120 -0.99 -28.55 12.04
CA ASP B 120 -0.39 -29.57 11.17
C ASP B 120 1.02 -29.21 10.74
N GLU B 121 1.57 -28.09 11.20
CA GLU B 121 2.96 -27.65 11.08
C GLU B 121 3.24 -27.05 9.70
N SER B 122 2.23 -26.85 8.87
CA SER B 122 2.38 -26.27 7.56
C SER B 122 1.88 -24.83 7.52
N VAL B 123 2.35 -24.10 6.52
CA VAL B 123 1.81 -22.79 6.18
C VAL B 123 1.19 -22.92 4.79
N ARG B 124 -0.02 -22.42 4.61
CA ARG B 124 -0.65 -22.51 3.31
C ARG B 124 -0.95 -21.12 2.77
N ILE B 125 -0.86 -20.98 1.44
CA ILE B 125 -1.18 -19.76 0.72
C ILE B 125 -2.34 -20.05 -0.21
N TRP B 126 -3.41 -19.26 -0.08
CA TRP B 126 -4.69 -19.49 -0.73
C TRP B 126 -5.05 -18.31 -1.62
N ASP B 127 -5.69 -18.63 -2.74
CA ASP B 127 -6.28 -17.63 -3.63
C ASP B 127 -7.65 -17.21 -3.08
N VAL B 128 -7.81 -15.91 -2.81
CA VAL B 128 -9.06 -15.41 -2.24
C VAL B 128 -10.21 -15.62 -3.21
N LYS B 129 -9.98 -15.36 -4.50
CA LYS B 129 -11.06 -15.38 -5.47
C LYS B 129 -11.64 -16.79 -5.62
N THR B 130 -10.79 -17.77 -5.88
CA THR B 130 -11.24 -19.13 -6.11
C THR B 130 -11.34 -19.98 -4.85
N GLY B 131 -10.65 -19.58 -3.79
CA GLY B 131 -10.58 -20.41 -2.60
C GLY B 131 -9.63 -21.57 -2.71
N LYS B 132 -8.89 -21.68 -3.81
CA LYS B 132 -7.99 -22.80 -4.00
C LYS B 132 -6.69 -22.59 -3.25
N CYS B 133 -6.13 -23.66 -2.70
CA CYS B 133 -4.83 -23.58 -2.08
C CYS B 133 -3.77 -23.51 -3.18
N LEU B 134 -3.00 -22.42 -3.19
CA LEU B 134 -1.95 -22.26 -4.18
C LEU B 134 -0.66 -22.93 -3.75
N LYS B 135 -0.31 -22.86 -2.46
CA LYS B 135 0.97 -23.40 -2.01
C LYS B 135 0.83 -23.98 -0.61
N THR B 136 1.51 -25.10 -0.37
CA THR B 136 1.70 -25.65 0.97
C THR B 136 3.20 -25.66 1.28
N LEU B 137 3.59 -24.95 2.34
CA LEU B 137 4.97 -24.84 2.77
C LEU B 137 5.20 -25.73 3.97
N PRO B 138 6.16 -26.65 3.92
CA PRO B 138 6.52 -27.45 5.10
C PRO B 138 7.31 -26.59 6.07
N ALA B 139 6.59 -25.67 6.71
CA ALA B 139 7.24 -24.51 7.30
C ALA B 139 7.96 -24.84 8.59
N HIS B 140 7.43 -25.75 9.39
CA HIS B 140 7.90 -25.92 10.76
C HIS B 140 7.75 -27.37 11.19
N SER B 141 8.28 -27.67 12.36
CA SER B 141 8.24 -29.02 12.94
C SER B 141 7.38 -29.07 14.19
N ASP B 142 6.53 -28.06 14.38
CA ASP B 142 5.57 -27.99 15.48
C ASP B 142 4.48 -27.01 15.06
N PRO B 143 3.40 -26.89 15.84
CA PRO B 143 2.31 -25.99 15.43
C PRO B 143 2.79 -24.59 15.08
N VAL B 144 2.20 -24.03 14.02
CA VAL B 144 2.52 -22.68 13.56
C VAL B 144 1.64 -21.69 14.31
N SER B 145 2.27 -20.77 15.02
CA SER B 145 1.54 -19.87 15.92
C SER B 145 1.14 -18.55 15.28
N ALA B 146 1.81 -18.12 14.21
CA ALA B 146 1.47 -16.84 13.60
C ALA B 146 2.01 -16.79 12.18
N VAL B 147 1.31 -16.04 11.33
CA VAL B 147 1.71 -15.79 9.95
C VAL B 147 1.32 -14.36 9.60
N HIS B 148 2.19 -13.67 8.88
CA HIS B 148 1.96 -12.26 8.59
C HIS B 148 2.67 -11.88 7.30
N PHE B 149 2.00 -11.07 6.48
CA PHE B 149 2.59 -10.50 5.27
C PHE B 149 3.29 -9.19 5.60
N ASN B 150 4.32 -8.86 4.81
CA ASN B 150 4.96 -7.56 4.97
C ASN B 150 4.16 -6.50 4.18
N ARG B 151 4.69 -5.28 4.17
CA ARG B 151 3.93 -4.11 3.73
C ARG B 151 3.57 -4.16 2.26
N ASP B 152 4.43 -4.73 1.42
CA ASP B 152 4.12 -4.82 0.00
C ASP B 152 3.66 -6.21 -0.41
N GLY B 153 3.53 -7.13 0.55
CA GLY B 153 3.03 -8.46 0.28
C GLY B 153 4.05 -9.44 -0.27
N SER B 154 5.31 -9.03 -0.42
CA SER B 154 6.31 -9.88 -1.05
C SER B 154 6.90 -10.90 -0.09
N LEU B 155 6.76 -10.70 1.23
CA LEU B 155 7.30 -11.62 2.20
C LEU B 155 6.22 -12.07 3.18
N ILE B 156 6.41 -13.27 3.71
CA ILE B 156 5.61 -13.82 4.80
C ILE B 156 6.58 -14.14 5.94
N VAL B 157 6.16 -13.87 7.18
CA VAL B 157 6.89 -14.33 8.35
C VAL B 157 6.03 -15.33 9.11
N SER B 158 6.64 -16.42 9.56
CA SER B 158 5.94 -17.41 10.34
C SER B 158 6.69 -17.70 11.63
N SER B 159 5.95 -18.08 12.68
CA SER B 159 6.53 -18.45 13.96
C SER B 159 5.97 -19.80 14.36
N SER B 160 6.70 -20.51 15.21
CA SER B 160 6.21 -21.83 15.58
C SER B 160 6.69 -22.19 16.99
N TYR B 161 5.95 -23.10 17.62
CA TYR B 161 6.40 -23.69 18.86
C TYR B 161 7.70 -24.46 18.71
N ASP B 162 8.15 -24.74 17.48
CA ASP B 162 9.45 -25.38 17.34
C ASP B 162 10.59 -24.42 17.66
N GLY B 163 10.28 -23.16 17.94
CA GLY B 163 11.26 -22.18 18.34
C GLY B 163 11.81 -21.30 17.23
N LEU B 164 11.30 -21.43 16.01
CA LEU B 164 11.82 -20.71 14.86
C LEU B 164 10.85 -19.64 14.38
N CYS B 165 11.41 -18.55 13.87
CA CYS B 165 10.73 -17.65 12.95
C CYS B 165 11.37 -17.80 11.58
N ARG B 166 10.55 -17.82 10.55
CA ARG B 166 11.06 -17.99 9.19
C ARG B 166 10.47 -16.93 8.28
N ILE B 167 11.32 -16.42 7.39
CA ILE B 167 10.95 -15.44 6.37
C ILE B 167 10.88 -16.16 5.04
N TRP B 168 9.73 -16.02 4.37
CA TRP B 168 9.36 -16.71 3.14
C TRP B 168 9.12 -15.73 2.02
N ASP B 169 9.59 -16.08 0.82
CA ASP B 169 9.23 -15.33 -0.38
C ASP B 169 7.85 -15.75 -0.85
N THR B 170 6.92 -14.79 -0.92
CA THR B 170 5.52 -15.11 -1.21
C THR B 170 5.37 -15.80 -2.57
N ALA B 171 6.00 -15.24 -3.61
CA ALA B 171 5.76 -15.75 -4.96
C ALA B 171 6.33 -17.15 -5.13
N SER B 172 7.51 -17.42 -4.58
CA SER B 172 8.16 -18.70 -4.78
C SER B 172 7.92 -19.71 -3.66
N GLY B 173 7.50 -19.26 -2.48
CA GLY B 173 7.36 -20.16 -1.36
C GLY B 173 8.67 -20.62 -0.77
N GLN B 174 9.79 -20.01 -1.17
CA GLN B 174 11.09 -20.40 -0.66
C GLN B 174 11.39 -19.71 0.66
N CYS B 175 12.05 -20.44 1.57
CA CYS B 175 12.42 -19.86 2.85
C CYS B 175 13.68 -19.03 2.67
N LEU B 176 13.56 -17.73 2.89
CA LEU B 176 14.71 -16.85 2.75
C LEU B 176 15.52 -16.75 4.03
N LYS B 177 14.90 -16.92 5.19
CA LYS B 177 15.65 -16.70 6.42
C LYS B 177 15.05 -17.52 7.56
N THR B 178 15.93 -18.10 8.38
CA THR B 178 15.52 -18.76 9.62
C THR B 178 16.25 -18.10 10.78
N LEU B 179 15.49 -17.64 11.78
CA LEU B 179 16.07 -17.04 12.98
C LEU B 179 16.12 -18.10 14.08
N ILE B 180 17.33 -18.48 14.49
CA ILE B 180 17.50 -19.48 15.53
C ILE B 180 17.95 -18.80 16.82
N ASP B 181 17.60 -19.43 17.95
CA ASP B 181 18.01 -19.04 19.31
C ASP B 181 18.28 -20.23 20.23
N ASP B 182 19.43 -20.25 20.86
CA ASP B 182 19.80 -21.31 21.78
C ASP B 182 18.82 -21.21 22.96
N ASP B 183 18.35 -22.35 23.38
CA ASP B 183 17.34 -22.51 24.42
C ASP B 183 16.04 -22.75 23.67
N ASN B 184 15.93 -22.19 22.46
CA ASN B 184 14.87 -22.52 21.61
C ASN B 184 13.46 -22.41 22.16
N PRO B 185 13.20 -21.26 22.89
CA PRO B 185 11.86 -21.21 23.47
C PRO B 185 10.75 -21.13 22.39
N PRO B 186 9.63 -21.74 22.66
CA PRO B 186 8.56 -21.68 21.65
C PRO B 186 8.25 -20.23 21.30
N VAL B 187 8.06 -19.97 20.01
CA VAL B 187 7.67 -18.65 19.55
C VAL B 187 6.16 -18.66 19.37
N SER B 188 5.47 -17.83 20.16
CA SER B 188 4.02 -17.82 20.20
C SER B 188 3.39 -16.76 19.30
N PHE B 189 4.19 -15.82 18.81
CA PHE B 189 3.64 -14.78 17.93
C PHE B 189 4.78 -14.09 17.21
N VAL B 190 4.48 -13.59 16.01
CA VAL B 190 5.43 -12.81 15.24
C VAL B 190 4.67 -11.95 14.25
N LYS B 191 5.23 -10.78 13.93
CA LYS B 191 4.72 -9.95 12.86
C LYS B 191 5.80 -8.99 12.40
N PHE B 192 5.68 -8.54 11.15
CA PHE B 192 6.58 -7.53 10.62
C PHE B 192 6.34 -6.20 11.31
N SER B 193 7.40 -5.39 11.38
CA SER B 193 7.29 -4.05 11.92
C SER B 193 6.65 -3.11 10.90
N PRO B 194 6.19 -1.93 11.34
CA PRO B 194 5.57 -1.00 10.37
C PRO B 194 6.47 -0.62 9.20
N ASN B 195 7.78 -0.49 9.41
CA ASN B 195 8.65 -0.16 8.28
C ASN B 195 9.08 -1.40 7.49
N GLY B 196 8.64 -2.59 7.89
CA GLY B 196 8.97 -3.81 7.17
C GLY B 196 10.37 -4.32 7.37
N LYS B 197 11.23 -3.60 8.08
CA LYS B 197 12.61 -4.01 8.24
C LYS B 197 12.82 -4.99 9.39
N TYR B 198 11.91 -5.03 10.35
CA TYR B 198 12.08 -5.81 11.57
C TYR B 198 10.90 -6.75 11.75
N ILE B 199 11.06 -7.71 12.67
CA ILE B 199 9.95 -8.53 13.12
C ILE B 199 9.90 -8.50 14.65
N LEU B 200 8.69 -8.48 15.18
CA LEU B 200 8.45 -8.53 16.62
C LEU B 200 7.99 -9.96 16.95
N ALA B 201 8.69 -10.61 17.87
CA ALA B 201 8.45 -12.02 18.19
C ALA B 201 8.22 -12.17 19.68
N ALA B 202 7.14 -12.86 20.05
CA ALA B 202 6.88 -13.23 21.43
C ALA B 202 7.32 -14.67 21.64
N THR B 203 8.00 -14.92 22.76
CA THR B 203 8.38 -16.28 23.13
C THR B 203 7.76 -16.60 24.48
N LEU B 204 7.54 -17.91 24.72
CA LEU B 204 6.87 -18.33 25.94
C LEU B 204 7.83 -18.35 27.13
N ASP B 205 8.77 -17.41 27.14
CA ASP B 205 9.60 -17.13 28.31
C ASP B 205 9.42 -15.68 28.74
N ASN B 206 8.19 -15.19 28.66
CA ASN B 206 7.83 -13.85 29.14
C ASN B 206 8.68 -12.77 28.46
N THR B 207 8.88 -12.89 27.15
CA THR B 207 9.79 -12.01 26.42
C THR B 207 9.23 -11.64 25.06
N LEU B 208 9.32 -10.36 24.71
CA LEU B 208 9.12 -9.87 23.36
C LEU B 208 10.45 -9.38 22.82
N LYS B 209 10.71 -9.64 21.54
CA LYS B 209 11.98 -9.27 20.94
C LYS B 209 11.75 -8.63 19.58
N LEU B 210 12.45 -7.53 19.33
CA LEU B 210 12.44 -6.88 18.04
C LEU B 210 13.75 -7.21 17.33
N TRP B 211 13.64 -7.91 16.20
CA TRP B 211 14.74 -8.47 15.44
C TRP B 211 14.90 -7.75 14.10
N ASP B 212 16.13 -7.43 13.75
CA ASP B 212 16.49 -7.15 12.36
C ASP B 212 16.77 -8.51 11.71
N TYR B 213 15.81 -9.01 10.94
CA TYR B 213 15.95 -10.36 10.40
C TYR B 213 16.97 -10.45 9.26
N SER B 214 17.28 -9.35 8.58
N SER B 214 17.28 -9.35 8.59
CA SER B 214 18.31 -9.38 7.55
CA SER B 214 18.30 -9.40 7.55
C SER B 214 19.68 -9.61 8.18
C SER B 214 19.69 -9.59 8.16
N LYS B 215 19.97 -8.93 9.28
CA LYS B 215 21.24 -9.08 9.98
C LYS B 215 21.21 -10.19 11.01
N GLY B 216 20.03 -10.69 11.36
CA GLY B 216 19.92 -11.69 12.40
C GLY B 216 20.26 -11.18 13.78
N LYS B 217 20.03 -9.90 14.05
CA LYS B 217 20.42 -9.28 15.30
C LYS B 217 19.19 -8.84 16.08
N CYS B 218 19.20 -9.07 17.39
CA CYS B 218 18.11 -8.61 18.25
C CYS B 218 18.35 -7.14 18.61
N LEU B 219 17.45 -6.28 18.15
CA LEU B 219 17.59 -4.86 18.42
C LEU B 219 16.99 -4.46 19.76
N LYS B 220 15.83 -5.01 20.10
CA LYS B 220 15.19 -4.60 21.36
C LYS B 220 14.59 -5.80 22.06
N THR B 221 14.44 -5.68 23.37
CA THR B 221 13.80 -6.68 24.19
C THR B 221 12.85 -6.00 25.16
N TYR B 222 11.64 -6.55 25.28
CA TYR B 222 10.60 -6.01 26.15
C TYR B 222 10.16 -7.11 27.10
N THR B 223 10.27 -6.84 28.40
CA THR B 223 9.94 -7.82 29.43
C THR B 223 9.18 -7.14 30.55
N GLY B 224 8.84 -7.92 31.57
CA GLY B 224 8.06 -7.46 32.71
C GLY B 224 6.67 -8.05 32.77
N HIS B 225 6.14 -8.53 31.65
CA HIS B 225 4.83 -9.16 31.61
C HIS B 225 4.97 -10.66 31.85
N LYS B 226 3.84 -11.36 31.78
CA LYS B 226 3.79 -12.81 31.99
C LYS B 226 3.26 -13.47 30.72
N ASN B 227 4.04 -14.37 30.14
CA ASN B 227 3.60 -15.06 28.93
C ASN B 227 4.40 -16.37 28.83
N GLU B 228 3.84 -17.44 29.41
CA GLU B 228 4.47 -18.75 29.36
C GLU B 228 3.57 -19.82 28.78
N LYS B 229 2.33 -19.50 28.43
CA LYS B 229 1.40 -20.54 28.01
C LYS B 229 0.65 -20.21 26.72
N TYR B 230 0.11 -18.99 26.62
CA TYR B 230 -0.84 -18.68 25.57
C TYR B 230 -0.20 -17.90 24.43
N CYS B 231 -0.80 -18.00 23.25
N CYS B 231 -0.79 -18.04 23.25
CA CYS B 231 -0.36 -17.24 22.09
CA CYS B 231 -0.42 -17.25 22.07
C CYS B 231 -1.02 -15.88 22.15
C CYS B 231 -1.07 -15.88 22.23
N ILE B 232 -0.28 -14.90 22.65
CA ILE B 232 -0.77 -13.55 22.93
C ILE B 232 -0.23 -12.62 21.85
N PHE B 233 -1.14 -12.01 21.10
CA PHE B 233 -0.76 -11.05 20.08
C PHE B 233 0.02 -9.90 20.69
N ALA B 234 0.95 -9.35 19.90
CA ALA B 234 1.59 -8.10 20.23
C ALA B 234 1.38 -7.13 19.07
N ASN B 235 1.47 -5.83 19.37
CA ASN B 235 1.16 -4.80 18.39
C ASN B 235 2.18 -3.68 18.47
N PHE B 236 2.40 -3.02 17.32
CA PHE B 236 2.99 -1.70 17.27
C PHE B 236 1.88 -0.67 17.29
N SER B 237 2.00 0.32 18.16
CA SER B 237 1.03 1.42 18.21
C SER B 237 1.71 2.63 17.59
N VAL B 238 1.16 3.06 16.45
CA VAL B 238 1.78 4.01 15.53
C VAL B 238 1.00 5.31 15.40
N THR B 239 -0.14 5.45 16.09
CA THR B 239 -0.97 6.64 15.88
C THR B 239 -0.52 7.83 16.72
N GLY B 240 0.08 7.59 17.88
CA GLY B 240 0.62 8.65 18.71
C GLY B 240 2.07 8.37 19.01
N GLY B 241 2.41 8.23 20.29
CA GLY B 241 3.74 7.78 20.66
C GLY B 241 4.01 6.38 20.11
N LYS B 242 5.29 6.10 19.91
CA LYS B 242 5.71 4.81 19.36
C LYS B 242 5.71 3.79 20.49
N TRP B 243 4.66 2.95 20.55
CA TRP B 243 4.58 2.00 21.64
C TRP B 243 4.58 0.56 21.14
N ILE B 244 4.93 -0.34 22.05
CA ILE B 244 4.69 -1.77 21.92
C ILE B 244 3.56 -2.14 22.88
N VAL B 245 2.58 -2.91 22.41
CA VAL B 245 1.39 -3.24 23.20
C VAL B 245 1.21 -4.74 23.22
N SER B 246 0.92 -5.29 24.40
CA SER B 246 0.69 -6.74 24.46
C SER B 246 -0.21 -7.07 25.64
N GLY B 247 -0.97 -8.16 25.49
CA GLY B 247 -1.66 -8.75 26.62
C GLY B 247 -0.67 -9.47 27.52
N SER B 248 -1.18 -9.99 28.63
CA SER B 248 -0.34 -10.63 29.63
C SER B 248 -1.16 -11.62 30.43
N GLU B 249 -0.49 -12.63 30.95
CA GLU B 249 -1.18 -13.65 31.75
C GLU B 249 -1.43 -13.22 33.18
N ASP B 250 -1.04 -12.00 33.57
CA ASP B 250 -1.43 -11.45 34.86
C ASP B 250 -2.62 -10.49 34.74
N ASN B 251 -3.39 -10.61 33.65
CA ASN B 251 -4.67 -9.92 33.39
C ASN B 251 -4.48 -8.44 33.06
N LEU B 252 -3.27 -8.00 32.73
CA LEU B 252 -3.01 -6.61 32.42
C LEU B 252 -2.66 -6.44 30.95
N VAL B 253 -2.85 -5.22 30.46
CA VAL B 253 -2.32 -4.82 29.15
C VAL B 253 -1.03 -4.06 29.39
N TYR B 254 0.07 -4.51 28.79
CA TYR B 254 1.35 -3.84 28.95
C TYR B 254 1.64 -2.96 27.74
N ILE B 255 2.18 -1.77 28.01
CA ILE B 255 2.56 -0.82 26.98
C ILE B 255 3.98 -0.35 27.29
N TRP B 256 4.90 -0.61 26.35
CA TRP B 256 6.32 -0.29 26.45
C TRP B 256 6.68 0.85 25.50
N ASN B 257 7.67 1.64 25.91
CA ASN B 257 8.32 2.58 25.02
C ASN B 257 9.17 1.81 24.01
N LEU B 258 8.90 2.03 22.71
CA LEU B 258 9.57 1.26 21.66
C LEU B 258 11.08 1.32 21.78
N GLN B 259 11.62 2.51 22.03
CA GLN B 259 13.06 2.73 21.97
C GLN B 259 13.76 2.46 23.30
N THR B 260 13.19 2.88 24.42
CA THR B 260 13.84 2.68 25.71
C THR B 260 13.52 1.32 26.32
N LYS B 261 12.49 0.64 25.83
CA LYS B 261 12.01 -0.65 26.33
C LYS B 261 11.40 -0.54 27.72
N GLU B 262 11.28 0.66 28.25
CA GLU B 262 10.62 0.84 29.54
C GLU B 262 9.12 0.65 29.42
N ILE B 263 8.52 0.04 30.43
CA ILE B 263 7.08 0.00 30.54
C ILE B 263 6.56 1.40 30.81
N VAL B 264 5.64 1.87 29.97
CA VAL B 264 5.04 3.19 30.16
C VAL B 264 3.61 3.10 30.67
N GLN B 265 2.93 1.97 30.50
CA GLN B 265 1.61 1.88 31.11
C GLN B 265 1.20 0.41 31.29
N LYS B 266 0.40 0.17 32.33
CA LYS B 266 -0.27 -1.11 32.53
C LYS B 266 -1.75 -0.83 32.70
N LEU B 267 -2.58 -1.44 31.86
CA LEU B 267 -4.03 -1.26 31.89
C LEU B 267 -4.66 -2.38 32.71
N GLN B 268 -5.36 -1.97 33.76
CA GLN B 268 -6.06 -2.86 34.67
C GLN B 268 -7.55 -2.90 34.51
N GLY B 269 -8.14 -4.05 34.70
CA GLY B 269 -9.54 -4.20 34.59
C GLY B 269 -10.07 -5.55 34.24
N HIS B 270 -9.35 -6.25 33.40
CA HIS B 270 -9.72 -7.57 33.01
C HIS B 270 -9.57 -8.55 34.19
N THR B 271 -10.36 -9.60 34.20
CA THR B 271 -10.36 -10.57 35.28
C THR B 271 -9.85 -11.94 34.85
N ASP B 272 -9.10 -11.97 33.75
CA ASP B 272 -8.48 -13.21 33.25
C ASP B 272 -7.40 -12.79 32.27
N VAL B 273 -6.67 -13.78 31.76
CA VAL B 273 -5.55 -13.53 30.86
C VAL B 273 -6.00 -12.64 29.73
N VAL B 274 -5.24 -11.56 29.47
CA VAL B 274 -5.50 -10.73 28.31
C VAL B 274 -4.88 -11.44 27.11
N ILE B 275 -5.72 -12.13 26.34
CA ILE B 275 -5.25 -12.99 25.26
C ILE B 275 -5.03 -12.21 23.98
N SER B 276 -5.68 -11.06 23.81
CA SER B 276 -5.49 -10.36 22.55
C SER B 276 -5.61 -8.86 22.75
N THR B 277 -4.85 -8.11 21.96
CA THR B 277 -4.93 -6.67 21.87
C THR B 277 -4.82 -6.25 20.42
N ALA B 278 -5.38 -5.09 20.12
CA ALA B 278 -5.29 -4.49 18.79
C ALA B 278 -5.26 -2.98 18.95
N CYS B 279 -4.64 -2.32 17.98
CA CYS B 279 -4.43 -0.88 17.97
C CYS B 279 -5.21 -0.30 16.80
N HIS B 280 -5.97 0.76 17.04
CA HIS B 280 -6.78 1.38 16.00
C HIS B 280 -5.90 2.05 14.95
N PRO B 281 -6.27 1.97 13.67
CA PRO B 281 -5.36 2.45 12.61
C PRO B 281 -5.14 3.96 12.59
N THR B 282 -6.07 4.78 13.09
CA THR B 282 -5.90 6.23 13.06
C THR B 282 -6.03 6.92 14.41
N GLU B 283 -6.70 6.32 15.39
CA GLU B 283 -6.89 6.91 16.69
C GLU B 283 -6.09 6.16 17.75
N ASN B 284 -5.78 6.85 18.84
CA ASN B 284 -5.09 6.24 19.97
C ASN B 284 -6.09 5.42 20.79
N ILE B 285 -6.52 4.31 20.19
CA ILE B 285 -7.53 3.43 20.75
C ILE B 285 -6.96 2.02 20.78
N ILE B 286 -7.07 1.36 21.93
CA ILE B 286 -6.66 -0.03 22.07
C ILE B 286 -7.89 -0.86 22.41
N ALA B 287 -8.01 -2.01 21.76
CA ALA B 287 -8.97 -3.04 22.14
C ALA B 287 -8.24 -4.19 22.79
N SER B 288 -8.81 -4.74 23.86
CA SER B 288 -8.24 -5.88 24.56
C SER B 288 -9.32 -6.91 24.84
N ALA B 289 -8.91 -8.17 24.94
CA ALA B 289 -9.84 -9.27 25.14
C ALA B 289 -9.19 -10.36 25.97
N ALA B 290 -10.02 -11.03 26.77
CA ALA B 290 -9.59 -11.93 27.83
C ALA B 290 -10.28 -13.28 27.74
N LEU B 291 -9.80 -14.22 28.55
CA LEU B 291 -10.22 -15.61 28.50
C LEU B 291 -11.49 -15.82 29.32
N GLU B 292 -11.89 -17.09 29.47
CA GLU B 292 -13.27 -17.46 29.79
C GLU B 292 -13.72 -17.08 31.19
N ASN B 293 -12.83 -16.69 32.10
CA ASN B 293 -13.29 -16.09 33.34
C ASN B 293 -13.78 -14.67 33.14
N ASP B 294 -13.48 -14.08 31.98
CA ASP B 294 -13.81 -12.70 31.65
C ASP B 294 -14.75 -12.62 30.45
N LYS B 295 -14.30 -13.08 29.29
CA LYS B 295 -15.07 -13.14 28.04
C LYS B 295 -15.45 -11.76 27.50
N THR B 296 -14.91 -10.67 28.02
CA THR B 296 -15.25 -9.36 27.51
C THR B 296 -14.12 -8.77 26.67
N ILE B 297 -14.49 -7.71 25.96
CA ILE B 297 -13.58 -6.87 25.19
C ILE B 297 -13.68 -5.47 25.76
N LYS B 298 -12.54 -4.84 26.00
CA LYS B 298 -12.50 -3.49 26.51
C LYS B 298 -11.88 -2.55 25.48
N LEU B 299 -12.43 -1.36 25.37
CA LEU B 299 -11.89 -0.30 24.52
C LEU B 299 -11.32 0.79 25.39
N TRP B 300 -10.08 1.18 25.11
CA TRP B 300 -9.32 2.17 25.88
C TRP B 300 -8.92 3.30 24.95
N LYS B 301 -8.96 4.52 25.47
CA LYS B 301 -8.56 5.70 24.71
C LYS B 301 -7.48 6.50 25.43
N SER B 302 -6.50 6.97 24.67
CA SER B 302 -5.43 7.81 25.20
C SER B 302 -5.33 9.11 24.39
N ASP B 303 -4.76 10.14 25.04
CA ASP B 303 -4.55 11.41 24.35
C ASP B 303 -3.28 11.42 23.51
N CYS B 304 -2.37 10.49 23.76
CA CYS B 304 -1.16 10.36 22.95
C CYS B 304 -0.77 8.89 22.80
#